data_7M8D
#
_entry.id   7M8D
#
_cell.length_a   98.422
_cell.length_b   98.422
_cell.length_c   81.618
_cell.angle_alpha   90.000
_cell.angle_beta   90.000
_cell.angle_gamma   120.000
#
_symmetry.space_group_name_H-M   'P 61'
#
loop_
_entity.id
_entity.type
_entity.pdbx_description
1 polymer 'DNA polymerase eta'
2 polymer "DNA (5'-D(*CP*AP*TP*TP*TP*TP*GP*AP*CP*GP*CP*T)-3')"
3 polymer "DNA/RNA (5'-D(*AP*GP*CP*GP*TP*CP*A)-R(P*A)-D(P*A)-3')"
4 non-polymer 'MAGNESIUM ION'
5 non-polymer GLYCEROL
6 non-polymer "2'-DEOXYADENOSINE 5'-TRIPHOSPHATE"
7 non-polymer DIPHOSPHATE
8 water water
#
loop_
_entity_poly.entity_id
_entity_poly.type
_entity_poly.pdbx_seq_one_letter_code
_entity_poly.pdbx_strand_id
1 'polypeptide(L)'
;GPHMATGQDRVVALVDMDCFFVQVEQRQNPHLRNKPCAVVQYKSWKGGGIIAVSYEARAFGVTRSMWADDAKKLCPDLLL
AQVRESRGKANLTKYREASVEVMEIMSRFAVIERAAIDEAYVDLTSAVQERLQKLQGQPISADLLPSTYIEGLPQGPTTA
EETVQKEGMRKQGLFQWLDSLQIDNLTSPDLQLTVGAVIVEEMRAAIERETGFQCSAGISHNKVLAKLACGLNKPNRQTL
VSHGSVPQLFSQMPIRKIRSLGGKLGASVIEILGIEYMGELTQFTESQLQSHFGEKNGSWLYAMCRGIEHDPVKPRQLPK
TIGCSKNFPGKTALATREQVQWWLLQLAQELEERLTKDRNDNDRVATQLVVSIRVQGDKRLSSLRRCCALTRYDAHKMSH
DAFTVIKNCNTSGIQTEWSPPLTMLFLCATKFSAS
;
A
2 'polydeoxyribonucleotide' (DC)(DA)(DT)(DT)(DT)(DT)(DG)(DA)(DC)(DG)(DC)(DT) T
3 'polydeoxyribonucleotide/polyribonucleotide hybrid' (DA)(DG)(DC)(DG)(DT)(DC)(DA)A(DA) P
#
loop_
_chem_comp.id
_chem_comp.type
_chem_comp.name
_chem_comp.formula
A RNA linking ADENOSINE-5'-MONOPHOSPHATE 'C10 H14 N5 O7 P'
DA DNA linking 2'-DEOXYADENOSINE-5'-MONOPHOSPHATE 'C10 H14 N5 O6 P'
DC DNA linking 2'-DEOXYCYTIDINE-5'-MONOPHOSPHATE 'C9 H14 N3 O7 P'
DG DNA linking 2'-DEOXYGUANOSINE-5'-MONOPHOSPHATE 'C10 H14 N5 O7 P'
DPO non-polymer DIPHOSPHATE 'O7 P2 -4'
DT DNA linking THYMIDINE-5'-MONOPHOSPHATE 'C10 H15 N2 O8 P'
DTP non-polymer '2'-DEOXYADENOSINE 5'-TRIPHOSPHATE' 'C10 H16 N5 O12 P3'
GOL non-polymer GLYCEROL 'C3 H8 O3'
MG non-polymer 'MAGNESIUM ION' 'Mg 2'
#
# COMPACT_ATOMS: atom_id res chain seq x y z
N GLY A 1 -13.29 2.05 33.64
CA GLY A 1 -14.36 1.36 32.93
C GLY A 1 -15.27 2.26 32.10
N PRO A 2 -16.16 3.01 32.76
CA PRO A 2 -17.13 3.83 32.03
C PRO A 2 -16.50 4.99 31.24
N HIS A 3 -15.23 5.31 31.48
CA HIS A 3 -14.56 6.37 30.73
C HIS A 3 -13.40 5.87 29.90
N MET A 4 -13.07 4.58 29.99
CA MET A 4 -12.05 3.97 29.15
C MET A 4 -12.46 4.06 27.68
N ALA A 5 -11.85 4.99 26.94
CA ALA A 5 -12.10 5.04 25.50
C ALA A 5 -11.60 3.75 24.85
N THR A 6 -12.39 3.23 23.91
CA THR A 6 -12.11 1.93 23.32
C THR A 6 -11.75 2.00 21.84
N GLY A 7 -11.67 3.18 21.25
CA GLY A 7 -11.32 3.30 19.85
C GLY A 7 -12.29 2.56 18.95
N GLN A 8 -13.59 2.72 19.21
CA GLN A 8 -14.63 2.06 18.45
C GLN A 8 -15.55 3.07 17.77
N ASP A 9 -15.05 4.29 17.56
CA ASP A 9 -15.85 5.40 17.04
C ASP A 9 -16.02 5.37 15.53
N ARG A 10 -15.10 4.75 14.80
CA ARG A 10 -15.09 4.80 13.34
C ARG A 10 -15.21 3.41 12.75
N VAL A 11 -15.64 3.36 11.48
CA VAL A 11 -15.48 2.16 10.65
C VAL A 11 -14.52 2.51 9.52
N VAL A 12 -13.42 1.77 9.44
CA VAL A 12 -12.35 2.04 8.48
C VAL A 12 -12.07 0.76 7.71
N ALA A 13 -11.94 0.89 6.39
CA ALA A 13 -11.59 -0.23 5.55
C ALA A 13 -10.27 0.05 4.87
N LEU A 14 -9.54 -1.02 4.57
CA LEU A 14 -8.35 -0.94 3.73
C LEU A 14 -8.56 -1.88 2.55
N VAL A 15 -8.57 -1.34 1.34
CA VAL A 15 -8.78 -2.14 0.13
C VAL A 15 -7.44 -2.25 -0.58
N ASP A 16 -7.06 -3.49 -0.91
CA ASP A 16 -5.75 -3.84 -1.48
CA ASP A 16 -5.76 -3.80 -1.51
C ASP A 16 -5.97 -4.66 -2.75
N MET A 17 -5.59 -4.14 -3.92
CA MET A 17 -5.74 -4.91 -5.15
C MET A 17 -4.84 -6.14 -5.07
N ASP A 18 -5.39 -7.32 -5.41
CA ASP A 18 -4.57 -8.51 -5.41
C ASP A 18 -3.55 -8.50 -6.54
N CYS A 19 -2.29 -8.82 -6.21
CA CYS A 19 -1.16 -8.83 -7.15
C CYS A 19 -1.36 -7.87 -8.31
N PHE A 20 -1.40 -6.57 -8.01
CA PHE A 20 -2.05 -5.59 -8.89
C PHE A 20 -1.46 -5.56 -10.30
N PHE A 21 -0.14 -5.34 -10.42
CA PHE A 21 0.43 -5.21 -11.77
C PHE A 21 0.16 -6.47 -12.60
N VAL A 22 0.18 -7.64 -11.94
CA VAL A 22 -0.15 -8.89 -12.63
C VAL A 22 -1.56 -8.85 -13.18
N GLN A 23 -2.54 -8.42 -12.36
CA GLN A 23 -3.91 -8.35 -12.87
C GLN A 23 -4.04 -7.38 -14.02
N VAL A 24 -3.31 -6.25 -13.97
CA VAL A 24 -3.38 -5.32 -15.10
C VAL A 24 -2.92 -6.02 -16.39
N GLU A 25 -1.80 -6.74 -16.31
CA GLU A 25 -1.31 -7.45 -17.50
C GLU A 25 -2.24 -8.60 -17.90
N GLN A 26 -2.87 -9.28 -16.94
CA GLN A 26 -3.76 -10.39 -17.24
C GLN A 26 -5.07 -9.91 -17.87
N ARG A 27 -5.57 -8.74 -17.44
CA ARG A 27 -6.73 -8.18 -18.12
C ARG A 27 -6.39 -7.89 -19.57
N GLN A 28 -5.21 -7.31 -19.82
CA GLN A 28 -4.81 -6.97 -21.19
C GLN A 28 -4.52 -8.20 -22.05
N ASN A 29 -3.91 -9.23 -21.47
CA ASN A 29 -3.50 -10.44 -22.19
C ASN A 29 -4.17 -11.65 -21.55
N PRO A 30 -5.32 -12.08 -22.09
CA PRO A 30 -6.05 -13.21 -21.48
C PRO A 30 -5.26 -14.51 -21.39
N HIS A 31 -4.25 -14.71 -22.24
CA HIS A 31 -3.40 -15.89 -22.15
C HIS A 31 -2.70 -16.02 -20.81
N LEU A 32 -2.58 -14.93 -20.06
CA LEU A 32 -1.92 -14.94 -18.74
C LEU A 32 -2.90 -15.24 -17.60
N ARG A 33 -4.20 -15.18 -17.86
CA ARG A 33 -5.17 -15.35 -16.77
C ARG A 33 -5.08 -16.76 -16.21
N ASN A 34 -5.22 -16.86 -14.88
CA ASN A 34 -5.27 -18.14 -14.18
C ASN A 34 -4.04 -19.00 -14.46
N LYS A 35 -2.89 -18.35 -14.51
CA LYS A 35 -1.61 -19.01 -14.75
C LYS A 35 -0.58 -18.48 -13.76
N PRO A 36 0.48 -19.26 -13.49
CA PRO A 36 1.63 -18.69 -12.77
C PRO A 36 2.25 -17.61 -13.63
N CYS A 37 2.19 -16.37 -13.19
N CYS A 37 2.21 -16.37 -13.15
CA CYS A 37 2.83 -15.34 -13.98
CA CYS A 37 2.56 -15.20 -13.94
C CYS A 37 3.35 -14.27 -13.05
C CYS A 37 3.26 -14.18 -13.04
N ALA A 38 4.22 -13.45 -13.61
CA ALA A 38 4.88 -12.39 -12.87
C ALA A 38 5.08 -11.20 -13.79
N VAL A 39 5.28 -10.03 -13.18
CA VAL A 39 5.65 -8.82 -13.92
C VAL A 39 7.10 -8.49 -13.61
N VAL A 40 7.87 -8.20 -14.66
CA VAL A 40 9.32 -8.07 -14.58
C VAL A 40 9.71 -6.74 -15.20
N GLN A 41 10.72 -6.08 -14.66
N GLN A 41 10.81 -6.17 -14.68
CA GLN A 41 11.19 -4.87 -15.31
CA GLN A 41 11.48 -4.98 -15.18
C GLN A 41 12.61 -5.07 -15.77
C GLN A 41 12.88 -5.35 -15.65
N TYR A 42 12.87 -4.69 -17.02
N TYR A 42 13.25 -4.93 -16.88
CA TYR A 42 14.09 -4.98 -17.76
CA TYR A 42 14.62 -4.94 -17.39
C TYR A 42 14.17 -6.49 -18.03
C TYR A 42 15.20 -6.33 -17.62
N LYS A 43 15.18 -6.93 -18.76
N LYS A 43 15.03 -6.86 -18.84
CA LYS A 43 15.26 -8.34 -19.10
CA LYS A 43 15.21 -8.29 -19.10
C LYS A 43 16.71 -8.79 -19.15
C LYS A 43 16.68 -8.73 -19.07
N SER A 44 17.62 -7.86 -19.43
CA SER A 44 19.00 -8.25 -19.72
C SER A 44 19.69 -8.86 -18.51
N TRP A 45 19.60 -8.21 -17.35
CA TRP A 45 20.32 -8.70 -16.17
C TRP A 45 19.48 -9.78 -15.50
N LYS A 46 19.94 -11.03 -15.62
CA LYS A 46 19.36 -12.17 -14.93
C LYS A 46 17.89 -12.36 -15.24
N GLY A 47 17.48 -11.98 -16.46
CA GLY A 47 16.11 -12.14 -16.89
C GLY A 47 15.17 -11.05 -16.44
N GLY A 48 15.64 -10.11 -15.63
CA GLY A 48 14.80 -9.04 -15.15
C GLY A 48 14.39 -9.23 -13.70
N GLY A 49 14.07 -8.11 -13.05
CA GLY A 49 13.67 -8.14 -11.66
C GLY A 49 12.16 -8.27 -11.55
N ILE A 50 11.71 -9.27 -10.80
CA ILE A 50 10.26 -9.45 -10.60
C ILE A 50 9.73 -8.41 -9.63
N ILE A 51 8.60 -7.78 -9.96
CA ILE A 51 7.98 -6.83 -9.06
C ILE A 51 6.55 -7.19 -8.66
N ALA A 52 5.94 -8.21 -9.27
CA ALA A 52 4.59 -8.63 -8.87
C ALA A 52 4.39 -10.08 -9.31
N VAL A 53 3.65 -10.84 -8.50
CA VAL A 53 3.59 -12.30 -8.65
C VAL A 53 2.15 -12.77 -8.45
N SER A 54 1.64 -13.54 -9.40
CA SER A 54 0.30 -14.11 -9.24
C SER A 54 0.30 -15.17 -8.15
N TYR A 55 -0.88 -15.43 -7.58
CA TYR A 55 -0.94 -16.38 -6.46
C TYR A 55 -0.59 -17.80 -6.92
N GLU A 56 -0.92 -18.15 -8.16
CA GLU A 56 -0.48 -19.40 -8.74
C GLU A 56 1.04 -19.53 -8.76
N ALA A 57 1.75 -18.46 -9.12
CA ALA A 57 3.21 -18.51 -9.08
C ALA A 57 3.75 -18.46 -7.65
N ARG A 58 3.11 -17.69 -6.77
CA ARG A 58 3.51 -17.70 -5.35
C ARG A 58 3.48 -19.10 -4.77
N ALA A 59 2.57 -19.96 -5.24
CA ALA A 59 2.56 -21.34 -4.76
C ALA A 59 3.88 -22.07 -5.05
N PHE A 60 4.60 -21.66 -6.09
CA PHE A 60 5.90 -22.28 -6.38
C PHE A 60 7.05 -21.65 -5.61
N GLY A 61 6.79 -20.65 -4.78
CA GLY A 61 7.84 -19.93 -4.09
C GLY A 61 8.37 -18.72 -4.81
N VAL A 62 7.74 -18.31 -5.92
CA VAL A 62 8.18 -17.11 -6.61
C VAL A 62 7.82 -15.89 -5.77
N THR A 63 8.75 -14.96 -5.65
CA THR A 63 8.46 -13.75 -4.88
C THR A 63 8.90 -12.51 -5.63
N ARG A 64 8.38 -11.39 -5.17
CA ARG A 64 8.91 -10.08 -5.55
CA ARG A 64 8.91 -10.11 -5.57
C ARG A 64 10.37 -9.98 -5.12
N SER A 65 11.15 -9.19 -5.87
CA SER A 65 12.57 -8.96 -5.62
C SER A 65 13.41 -10.17 -6.01
N MET A 66 12.87 -11.05 -6.82
CA MET A 66 13.56 -12.21 -7.33
C MET A 66 13.93 -11.92 -8.78
N TRP A 67 15.12 -12.33 -9.20
CA TRP A 67 15.46 -12.29 -10.61
C TRP A 67 14.61 -13.29 -11.37
N ALA A 68 14.20 -12.92 -12.59
CA ALA A 68 13.33 -13.81 -13.36
C ALA A 68 13.99 -15.16 -13.64
N ASP A 69 15.30 -15.18 -13.87
CA ASP A 69 16.01 -16.44 -14.12
C ASP A 69 15.88 -17.41 -12.94
N ASP A 70 15.94 -16.88 -11.71
CA ASP A 70 15.82 -17.73 -10.52
C ASP A 70 14.37 -18.17 -10.29
N ALA A 71 13.43 -17.24 -10.50
CA ALA A 71 12.02 -17.60 -10.48
C ALA A 71 11.71 -18.74 -11.44
N LYS A 72 12.31 -18.70 -12.64
CA LYS A 72 12.13 -19.77 -13.61
C LYS A 72 12.71 -21.08 -13.11
N LYS A 73 13.77 -21.02 -12.31
CA LYS A 73 14.23 -22.24 -11.65
C LYS A 73 13.16 -22.80 -10.71
N LEU A 74 12.43 -21.93 -10.00
CA LEU A 74 11.39 -22.50 -9.14
C LEU A 74 10.14 -22.91 -9.91
N CYS A 75 9.87 -22.24 -11.03
CA CYS A 75 8.59 -22.37 -11.72
C CYS A 75 8.88 -22.31 -13.21
N PRO A 76 9.19 -23.45 -13.82
CA PRO A 76 9.67 -23.43 -15.21
C PRO A 76 8.62 -22.94 -16.20
N ASP A 77 7.34 -23.06 -15.86
CA ASP A 77 6.26 -22.60 -16.73
C ASP A 77 5.82 -21.17 -16.43
N LEU A 78 6.56 -20.47 -15.57
CA LEU A 78 6.21 -19.10 -15.19
C LEU A 78 6.09 -18.23 -16.44
N LEU A 79 4.96 -17.54 -16.57
CA LEU A 79 4.79 -16.58 -17.65
C LEU A 79 5.16 -15.20 -17.16
N LEU A 80 5.71 -14.38 -18.06
CA LEU A 80 6.22 -13.07 -17.66
C LEU A 80 5.61 -11.99 -18.54
N ALA A 81 5.25 -10.88 -17.92
CA ALA A 81 4.91 -9.67 -18.64
C ALA A 81 5.91 -8.58 -18.24
N GLN A 82 6.40 -7.83 -19.22
CA GLN A 82 7.43 -6.82 -19.01
C GLN A 82 6.83 -5.44 -18.86
N VAL A 83 7.33 -4.68 -17.88
CA VAL A 83 7.00 -3.27 -17.76
C VAL A 83 7.47 -2.54 -19.01
N ARG A 84 6.65 -1.61 -19.49
CA ARG A 84 7.00 -0.81 -20.66
C ARG A 84 8.29 -0.03 -20.41
N GLU A 85 9.09 0.12 -21.46
CA GLU A 85 10.29 0.94 -21.38
C GLU A 85 10.16 2.10 -22.35
N SER A 86 10.39 3.31 -21.86
CA SER A 86 10.32 4.51 -22.66
C SER A 86 11.45 5.42 -22.25
N ARG A 87 12.13 6.01 -23.24
CA ARG A 87 13.24 6.92 -22.99
C ARG A 87 14.33 6.26 -22.15
N GLY A 88 14.57 4.98 -22.40
CA GLY A 88 15.65 4.25 -21.77
C GLY A 88 15.36 3.71 -20.38
N LYS A 89 14.13 3.79 -19.90
CA LYS A 89 13.83 3.42 -18.51
C LYS A 89 12.44 2.81 -18.39
N ALA A 90 12.24 2.07 -17.30
CA ALA A 90 10.92 1.51 -17.02
C ALA A 90 9.92 2.64 -16.85
N ASN A 91 8.70 2.41 -17.31
CA ASN A 91 7.66 3.43 -17.28
C ASN A 91 6.38 2.80 -16.74
N LEU A 92 5.89 3.32 -15.61
CA LEU A 92 4.80 2.66 -14.90
C LEU A 92 3.43 3.24 -15.23
N THR A 93 3.31 3.98 -16.33
CA THR A 93 2.06 4.69 -16.65
C THR A 93 0.83 3.77 -16.68
N LYS A 94 0.95 2.58 -17.28
CA LYS A 94 -0.20 1.68 -17.39
C LYS A 94 -0.80 1.35 -16.02
N TYR A 95 0.06 1.18 -15.03
CA TYR A 95 -0.39 0.79 -13.70
C TYR A 95 -0.93 1.99 -12.93
N ARG A 96 -0.34 3.17 -13.13
CA ARG A 96 -0.91 4.39 -12.56
C ARG A 96 -2.31 4.67 -13.10
N GLU A 97 -2.51 4.47 -14.40
CA GLU A 97 -3.84 4.71 -14.99
C GLU A 97 -4.85 3.65 -14.51
N ALA A 98 -4.41 2.39 -14.37
CA ALA A 98 -5.31 1.37 -13.81
C ALA A 98 -5.68 1.69 -12.37
N SER A 99 -4.71 2.21 -11.61
CA SER A 99 -4.96 2.63 -10.23
C SER A 99 -6.04 3.71 -10.19
N VAL A 100 -5.94 4.70 -11.08
CA VAL A 100 -6.97 5.72 -11.16
C VAL A 100 -8.34 5.08 -11.39
N GLU A 101 -8.42 4.06 -12.26
CA GLU A 101 -9.73 3.43 -12.48
C GLU A 101 -10.34 2.96 -11.16
N VAL A 102 -9.52 2.27 -10.36
CA VAL A 102 -10.04 1.70 -9.12
C VAL A 102 -10.34 2.79 -8.09
N MET A 103 -9.44 3.78 -7.96
CA MET A 103 -9.64 4.83 -6.96
C MET A 103 -10.90 5.62 -7.24
N GLU A 104 -11.22 5.85 -8.52
CA GLU A 104 -12.42 6.60 -8.85
C GLU A 104 -13.68 5.79 -8.55
N ILE A 105 -13.64 4.47 -8.73
CA ILE A 105 -14.79 3.68 -8.29
C ILE A 105 -14.95 3.75 -6.76
N MET A 106 -13.87 3.53 -6.02
CA MET A 106 -13.98 3.57 -4.56
C MET A 106 -14.51 4.92 -4.07
N SER A 107 -14.12 6.01 -4.72
CA SER A 107 -14.54 7.32 -4.27
C SER A 107 -16.03 7.57 -4.42
N ARG A 108 -16.77 6.73 -5.20
CA ARG A 108 -18.23 6.90 -5.24
C ARG A 108 -18.87 6.48 -3.92
N PHE A 109 -18.21 5.60 -3.18
CA PHE A 109 -18.79 5.09 -1.94
C PHE A 109 -18.44 5.94 -0.73
N ALA A 110 -17.22 6.48 -0.69
CA ALA A 110 -16.77 7.19 0.50
C ALA A 110 -15.48 7.93 0.21
N VAL A 111 -15.09 8.78 1.18
CA VAL A 111 -13.81 9.45 1.18
C VAL A 111 -12.68 8.42 1.26
N ILE A 112 -11.68 8.56 0.38
CA ILE A 112 -10.59 7.59 0.37
C ILE A 112 -9.26 8.31 0.54
N GLU A 113 -8.31 7.60 1.14
CA GLU A 113 -6.91 8.01 1.23
C GLU A 113 -6.10 7.04 0.39
N ARG A 114 -5.49 7.54 -0.69
CA ARG A 114 -4.60 6.73 -1.51
C ARG A 114 -3.35 6.40 -0.72
N ALA A 115 -3.19 5.15 -0.29
CA ALA A 115 -2.03 4.77 0.49
C ALA A 115 -0.89 4.27 -0.38
N ALA A 116 -1.22 3.68 -1.52
CA ALA A 116 -0.20 3.28 -2.49
C ALA A 116 -0.92 3.09 -3.82
N ILE A 117 -0.14 2.80 -4.86
CA ILE A 117 -0.72 2.64 -6.20
C ILE A 117 -1.87 1.65 -6.18
N ASP A 118 -1.84 0.68 -5.27
CA ASP A 118 -2.81 -0.40 -5.28
C ASP A 118 -3.64 -0.48 -4.01
N GLU A 119 -3.52 0.50 -3.10
CA GLU A 119 -4.33 0.38 -1.90
C GLU A 119 -4.83 1.73 -1.42
N ALA A 120 -6.05 1.71 -0.87
CA ALA A 120 -6.67 2.91 -0.34
C ALA A 120 -7.35 2.58 0.98
N TYR A 121 -7.26 3.51 1.93
CA TYR A 121 -8.13 3.47 3.09
C TYR A 121 -9.45 4.18 2.80
N VAL A 122 -10.50 3.72 3.48
CA VAL A 122 -11.87 4.17 3.28
C VAL A 122 -12.45 4.45 4.66
N ASP A 123 -12.95 5.68 4.87
CA ASP A 123 -13.68 6.02 6.09
C ASP A 123 -15.17 5.81 5.86
N LEU A 124 -15.72 4.74 6.43
CA LEU A 124 -17.09 4.31 6.17
C LEU A 124 -18.08 4.70 7.28
N THR A 125 -17.63 5.47 8.28
CA THR A 125 -18.48 5.78 9.42
C THR A 125 -19.83 6.36 9.01
N SER A 126 -19.82 7.37 8.13
CA SER A 126 -21.05 8.02 7.73
C SER A 126 -21.91 7.10 6.87
N ALA A 127 -21.28 6.44 5.90
CA ALA A 127 -22.01 5.51 5.04
C ALA A 127 -22.70 4.43 5.87
N VAL A 128 -22.02 3.95 6.93
CA VAL A 128 -22.62 2.97 7.81
C VAL A 128 -23.82 3.55 8.53
N GLN A 129 -23.71 4.77 9.05
CA GLN A 129 -24.88 5.38 9.69
C GLN A 129 -26.08 5.40 8.74
N GLU A 130 -25.85 5.86 7.52
CA GLU A 130 -26.95 5.97 6.55
C GLU A 130 -27.55 4.61 6.24
N ARG A 131 -26.71 3.61 5.98
CA ARG A 131 -27.22 2.27 5.69
C ARG A 131 -28.01 1.69 6.86
N LEU A 132 -27.53 1.92 8.09
CA LEU A 132 -28.27 1.46 9.27
C LEU A 132 -29.65 2.11 9.34
N GLN A 133 -29.76 3.38 8.95
CA GLN A 133 -31.09 3.98 8.90
C GLN A 133 -31.96 3.36 7.82
N LYS A 134 -31.38 3.11 6.65
CA LYS A 134 -32.17 2.53 5.57
C LYS A 134 -32.67 1.14 5.92
N LEU A 135 -31.95 0.41 6.78
CA LEU A 135 -32.32 -0.98 7.06
C LEU A 135 -33.53 -1.11 7.98
N GLN A 136 -33.73 -0.17 8.91
CA GLN A 136 -34.87 -0.17 9.83
C GLN A 136 -34.85 -1.39 10.76
N GLY A 137 -33.72 -1.55 11.46
CA GLY A 137 -33.57 -2.63 12.42
C GLY A 137 -33.65 -4.02 11.82
N GLN A 138 -33.50 -4.12 10.51
CA GLN A 138 -33.64 -5.40 9.82
C GLN A 138 -32.36 -6.23 9.96
N PRO A 139 -32.46 -7.51 10.31
CA PRO A 139 -31.24 -8.32 10.49
C PRO A 139 -30.42 -8.42 9.21
N ILE A 140 -29.14 -8.72 9.39
CA ILE A 140 -28.18 -8.79 8.29
C ILE A 140 -27.98 -10.25 7.91
N SER A 141 -28.29 -10.57 6.66
CA SER A 141 -28.22 -11.93 6.15
C SER A 141 -26.79 -12.29 5.75
N ALA A 142 -26.42 -13.55 5.99
CA ALA A 142 -25.12 -14.04 5.53
C ALA A 142 -24.94 -13.81 4.04
N ASP A 143 -26.03 -13.80 3.27
CA ASP A 143 -25.97 -13.58 1.82
C ASP A 143 -25.40 -12.22 1.48
N LEU A 144 -25.51 -11.26 2.38
CA LEU A 144 -24.91 -9.95 2.14
C LEU A 144 -23.40 -9.96 2.34
N LEU A 145 -22.82 -11.05 2.83
CA LEU A 145 -21.40 -11.11 3.18
C LEU A 145 -20.75 -12.37 2.61
N PRO A 146 -20.79 -12.55 1.28
CA PRO A 146 -20.41 -13.85 0.70
C PRO A 146 -18.91 -14.10 0.64
N SER A 147 -18.08 -13.08 0.90
CA SER A 147 -16.63 -13.28 0.86
C SER A 147 -15.96 -12.78 2.14
N THR A 148 -16.72 -12.66 3.23
CA THR A 148 -16.26 -12.06 4.48
C THR A 148 -15.85 -13.13 5.47
N TYR A 149 -14.68 -12.95 6.08
CA TYR A 149 -14.24 -13.72 7.25
C TYR A 149 -14.40 -12.89 8.50
N ILE A 150 -14.77 -13.54 9.60
CA ILE A 150 -14.80 -12.89 10.91
C ILE A 150 -13.60 -13.43 11.70
N GLU A 151 -12.59 -12.60 11.89
CA GLU A 151 -11.36 -13.06 12.54
C GLU A 151 -11.66 -13.53 13.96
N GLY A 152 -11.12 -14.70 14.32
CA GLY A 152 -11.35 -15.30 15.61
C GLY A 152 -12.49 -16.29 15.67
N LEU A 153 -13.32 -16.37 14.63
CA LEU A 153 -14.44 -17.31 14.58
C LEU A 153 -14.28 -18.26 13.40
N PRO A 154 -14.85 -19.49 13.47
CA PRO A 154 -15.64 -20.03 14.59
C PRO A 154 -14.78 -20.43 15.79
N GLN A 155 -15.39 -20.43 16.98
CA GLN A 155 -14.73 -20.90 18.20
C GLN A 155 -15.72 -21.76 18.97
N GLY A 156 -15.20 -22.50 19.95
CA GLY A 156 -16.04 -23.19 20.91
C GLY A 156 -16.56 -24.52 20.43
N PRO A 157 -17.52 -25.09 21.18
CA PRO A 157 -18.12 -26.41 20.92
C PRO A 157 -19.29 -26.38 19.93
N THR A 163 -16.93 -29.48 9.59
CA THR A 163 -16.41 -29.36 8.23
C THR A 163 -14.90 -29.11 8.24
N VAL A 164 -14.24 -29.56 7.18
CA VAL A 164 -12.80 -29.45 7.05
C VAL A 164 -12.39 -28.63 5.83
N GLN A 165 -13.33 -27.93 5.20
CA GLN A 165 -13.09 -27.14 4.01
C GLN A 165 -13.06 -25.65 4.37
N LYS A 166 -12.34 -24.88 3.55
CA LYS A 166 -12.09 -23.47 3.89
C LYS A 166 -13.37 -22.65 3.89
N GLU A 167 -14.18 -22.77 2.83
CA GLU A 167 -15.44 -22.04 2.76
C GLU A 167 -16.39 -22.46 3.88
N GLY A 168 -16.32 -23.72 4.30
CA GLY A 168 -17.16 -24.17 5.40
C GLY A 168 -16.82 -23.48 6.71
N MET A 169 -15.52 -23.39 7.02
CA MET A 169 -15.07 -22.65 8.19
C MET A 169 -15.49 -21.18 8.10
N ARG A 170 -15.28 -20.57 6.94
CA ARG A 170 -15.69 -19.17 6.78
C ARG A 170 -17.15 -19.00 7.14
N LYS A 171 -18.01 -19.88 6.60
CA LYS A 171 -19.44 -19.74 6.84
C LYS A 171 -19.81 -20.01 8.29
N GLN A 172 -19.19 -21.01 8.93
CA GLN A 172 -19.49 -21.27 10.34
C GLN A 172 -19.15 -20.06 11.21
N GLY A 173 -18.00 -19.43 10.96
CA GLY A 173 -17.65 -18.25 11.72
C GLY A 173 -18.59 -17.09 11.49
N LEU A 174 -18.94 -16.85 10.21
CA LEU A 174 -19.90 -15.79 9.89
C LEU A 174 -21.27 -16.06 10.53
N PHE A 175 -21.70 -17.32 10.52
CA PHE A 175 -22.97 -17.67 11.17
C PHE A 175 -22.92 -17.36 12.66
N GLN A 176 -21.85 -17.78 13.35
CA GLN A 176 -21.74 -17.48 14.79
C GLN A 176 -21.80 -15.99 15.04
N TRP A 177 -21.09 -15.21 14.21
CA TRP A 177 -21.05 -13.76 14.39
C TRP A 177 -22.43 -13.16 14.22
N LEU A 178 -23.10 -13.47 13.10
CA LEU A 178 -24.42 -12.91 12.82
C LEU A 178 -25.46 -13.38 13.84
N ASP A 179 -25.30 -14.61 14.34
CA ASP A 179 -26.22 -15.10 15.36
C ASP A 179 -26.07 -14.31 16.65
N SER A 180 -24.85 -13.88 16.97
CA SER A 180 -24.67 -13.12 18.20
C SER A 180 -25.11 -11.66 18.06
N LEU A 181 -25.16 -11.10 16.86
N LEU A 181 -25.09 -11.13 16.84
CA LEU A 181 -25.28 -9.65 16.70
CA LEU A 181 -25.59 -9.80 16.54
C LEU A 181 -26.55 -9.08 17.34
C LEU A 181 -27.11 -9.77 16.58
N GLN A 182 -26.44 -7.87 17.89
N GLN A 182 -27.74 -10.77 15.96
CA GLN A 182 -27.60 -7.12 18.39
CA GLN A 182 -29.19 -10.88 15.96
C GLN A 182 -27.94 -6.03 17.37
C GLN A 182 -29.73 -11.10 17.38
N ILE A 183 -28.81 -6.37 16.42
N ILE A 183 -29.01 -11.87 18.20
CA ILE A 183 -29.10 -5.51 15.27
CA ILE A 183 -29.43 -12.13 19.58
C ILE A 183 -30.09 -4.40 15.58
C ILE A 183 -29.22 -10.94 20.50
N ASP A 184 -30.61 -4.33 16.80
N ASP A 184 -28.46 -9.94 20.06
CA ASP A 184 -31.54 -3.27 17.16
CA ASP A 184 -28.09 -8.74 20.84
C ASP A 184 -30.84 -2.07 17.79
C ASP A 184 -26.97 -9.07 21.83
N ASN A 185 -29.60 -2.23 18.26
N ASN A 185 -26.13 -10.04 21.49
CA ASN A 185 -28.83 -1.14 18.84
CA ASN A 185 -25.00 -10.40 22.33
C ASN A 185 -27.98 -0.51 17.74
C ASN A 185 -23.72 -9.65 21.99
N LEU A 186 -28.42 0.64 17.23
N LEU A 186 -23.75 -8.79 20.97
CA LEU A 186 -27.74 1.27 16.10
CA LEU A 186 -22.59 -8.00 20.61
C LEU A 186 -26.38 1.85 16.46
C LEU A 186 -22.87 -6.53 20.93
N THR A 187 -26.04 1.94 17.75
N THR A 187 -21.98 -5.66 20.46
CA THR A 187 -24.74 2.44 18.17
CA THR A 187 -22.03 -4.24 20.74
C THR A 187 -23.77 1.33 18.52
C THR A 187 -22.46 -3.47 19.49
N SER A 188 -24.14 0.07 18.29
N SER A 188 -22.92 -2.23 19.71
CA SER A 188 -23.26 -1.07 18.57
CA SER A 188 -23.25 -1.37 18.59
C SER A 188 -22.06 -1.06 17.62
C SER A 188 -22.06 -1.16 17.65
N PRO A 189 -20.82 -0.99 18.13
CA PRO A 189 -19.67 -1.03 17.21
C PRO A 189 -19.57 -2.30 16.38
N ASP A 190 -19.96 -3.46 16.93
CA ASP A 190 -19.89 -4.69 16.15
C ASP A 190 -20.88 -4.66 14.98
N LEU A 191 -22.10 -4.18 15.24
CA LEU A 191 -23.06 -3.97 14.16
C LEU A 191 -22.52 -2.99 13.13
N GLN A 192 -21.90 -1.89 13.59
CA GLN A 192 -21.38 -0.89 12.65
C GLN A 192 -20.32 -1.50 11.75
N LEU A 193 -19.36 -2.25 12.34
CA LEU A 193 -18.38 -2.97 11.53
C LEU A 193 -19.05 -3.92 10.54
N THR A 194 -20.15 -4.57 10.96
CA THR A 194 -20.80 -5.54 10.10
C THR A 194 -21.42 -4.86 8.87
N VAL A 195 -22.10 -3.75 9.10
CA VAL A 195 -22.63 -2.98 7.98
C VAL A 195 -21.49 -2.46 7.10
N GLY A 196 -20.39 -2.02 7.73
CA GLY A 196 -19.22 -1.64 6.97
C GLY A 196 -18.79 -2.74 6.02
N ALA A 197 -18.75 -3.99 6.52
CA ALA A 197 -18.38 -5.11 5.67
C ALA A 197 -19.37 -5.32 4.53
N VAL A 198 -20.66 -5.08 4.78
CA VAL A 198 -21.64 -5.18 3.69
C VAL A 198 -21.29 -4.17 2.59
N ILE A 199 -20.99 -2.94 3.00
CA ILE A 199 -20.64 -1.90 2.03
C ILE A 199 -19.36 -2.30 1.27
N VAL A 200 -18.38 -2.86 1.98
CA VAL A 200 -17.13 -3.22 1.32
C VAL A 200 -17.35 -4.36 0.33
N GLU A 201 -18.24 -5.31 0.64
CA GLU A 201 -18.62 -6.31 -0.36
C GLU A 201 -19.14 -5.63 -1.62
N GLU A 202 -20.02 -4.65 -1.45
CA GLU A 202 -20.57 -3.94 -2.60
C GLU A 202 -19.48 -3.17 -3.36
N MET A 203 -18.57 -2.55 -2.62
CA MET A 203 -17.47 -1.81 -3.24
C MET A 203 -16.57 -2.74 -4.06
N ARG A 204 -16.20 -3.88 -3.47
CA ARG A 204 -15.33 -4.82 -4.19
C ARG A 204 -16.06 -5.44 -5.39
N ALA A 205 -17.36 -5.66 -5.27
CA ALA A 205 -18.13 -6.14 -6.42
C ALA A 205 -18.15 -5.11 -7.54
N ALA A 206 -18.31 -3.83 -7.19
CA ALA A 206 -18.29 -2.77 -8.18
C ALA A 206 -16.93 -2.68 -8.86
N ILE A 207 -15.85 -2.78 -8.08
CA ILE A 207 -14.51 -2.73 -8.67
C ILE A 207 -14.33 -3.88 -9.66
N GLU A 208 -14.70 -5.09 -9.25
CA GLU A 208 -14.51 -6.23 -10.15
C GLU A 208 -15.39 -6.12 -11.38
N ARG A 209 -16.64 -5.67 -11.21
CA ARG A 209 -17.54 -5.58 -12.36
C ARG A 209 -17.04 -4.55 -13.36
N GLU A 210 -16.56 -3.41 -12.87
CA GLU A 210 -16.24 -2.28 -13.73
C GLU A 210 -14.78 -2.24 -14.18
N THR A 211 -13.90 -3.04 -13.58
CA THR A 211 -12.52 -3.08 -14.05
C THR A 211 -12.01 -4.47 -14.35
N GLY A 212 -12.65 -5.52 -13.87
CA GLY A 212 -12.08 -6.85 -13.94
C GLY A 212 -11.14 -7.20 -12.81
N PHE A 213 -10.78 -6.24 -11.95
CA PHE A 213 -9.76 -6.46 -10.92
C PHE A 213 -10.39 -6.94 -9.63
N GLN A 214 -9.81 -7.97 -9.03
CA GLN A 214 -10.20 -8.44 -7.71
C GLN A 214 -9.30 -7.83 -6.64
N CYS A 215 -9.85 -7.71 -5.44
CA CYS A 215 -9.07 -7.15 -4.35
C CYS A 215 -9.46 -7.85 -3.06
N SER A 216 -8.66 -7.61 -2.04
CA SER A 216 -8.99 -8.01 -0.68
CA SER A 216 -8.99 -8.00 -0.68
C SER A 216 -9.25 -6.75 0.14
N ALA A 217 -9.77 -6.95 1.35
CA ALA A 217 -10.05 -5.78 2.19
C ALA A 217 -10.06 -6.19 3.65
N GLY A 218 -9.72 -5.24 4.50
CA GLY A 218 -9.91 -5.38 5.94
C GLY A 218 -10.90 -4.34 6.41
N ILE A 219 -11.76 -4.73 7.36
CA ILE A 219 -12.70 -3.80 7.98
C ILE A 219 -12.47 -3.83 9.48
N SER A 220 -12.19 -2.66 10.07
CA SER A 220 -12.05 -2.58 11.52
C SER A 220 -12.35 -1.15 11.96
N HIS A 221 -11.84 -0.76 13.12
CA HIS A 221 -12.15 0.55 13.67
C HIS A 221 -11.06 1.59 13.41
N ASN A 222 -9.93 1.19 12.82
CA ASN A 222 -8.88 2.14 12.52
C ASN A 222 -8.03 1.58 11.38
N LYS A 223 -7.10 2.42 10.90
CA LYS A 223 -6.30 2.08 9.73
C LYS A 223 -5.38 0.89 9.99
N VAL A 224 -4.67 0.89 11.13
CA VAL A 224 -3.71 -0.20 11.36
C VAL A 224 -4.41 -1.55 11.44
N LEU A 225 -5.53 -1.63 12.16
CA LEU A 225 -6.26 -2.90 12.23
C LEU A 225 -6.89 -3.26 10.90
N ALA A 226 -7.38 -2.27 10.14
CA ALA A 226 -7.92 -2.57 8.81
C ALA A 226 -6.85 -3.16 7.90
N LYS A 227 -5.66 -2.56 7.91
CA LYS A 227 -4.55 -3.05 7.10
C LYS A 227 -4.16 -4.48 7.51
N LEU A 228 -4.04 -4.72 8.82
CA LEU A 228 -3.69 -6.05 9.30
C LEU A 228 -4.76 -7.08 8.91
N ALA A 229 -6.03 -6.72 9.10
CA ALA A 229 -7.14 -7.58 8.73
C ALA A 229 -7.10 -7.92 7.25
N CYS A 230 -6.77 -6.95 6.39
CA CYS A 230 -6.79 -7.20 4.95
C CYS A 230 -5.90 -8.36 4.56
N GLY A 231 -4.73 -8.48 5.20
CA GLY A 231 -3.80 -9.53 4.87
C GLY A 231 -4.13 -10.91 5.42
N LEU A 232 -5.17 -11.02 6.23
CA LEU A 232 -5.40 -12.29 6.92
C LEU A 232 -6.01 -13.34 6.00
N ASN A 233 -6.74 -12.91 4.96
CA ASN A 233 -7.42 -13.85 4.06
C ASN A 233 -7.32 -13.28 2.64
N LYS A 234 -6.24 -13.61 1.95
CA LYS A 234 -6.02 -13.20 0.58
C LYS A 234 -5.85 -14.44 -0.28
N PRO A 235 -6.18 -14.38 -1.58
CA PRO A 235 -6.73 -13.24 -2.32
C PRO A 235 -8.24 -13.24 -2.39
N ASN A 236 -8.81 -12.14 -2.90
CA ASN A 236 -10.23 -12.06 -3.26
C ASN A 236 -11.17 -12.35 -2.07
N ARG A 237 -10.79 -11.90 -0.87
CA ARG A 237 -11.62 -12.07 0.32
C ARG A 237 -11.48 -10.84 1.20
N GLN A 238 -12.36 -10.68 2.18
CA GLN A 238 -12.26 -9.56 3.10
C GLN A 238 -12.47 -10.06 4.53
N THR A 239 -11.84 -9.38 5.49
CA THR A 239 -11.78 -9.84 6.86
C THR A 239 -12.20 -8.74 7.80
N LEU A 240 -13.09 -9.06 8.73
CA LEU A 240 -13.58 -8.15 9.74
C LEU A 240 -12.84 -8.44 11.04
N VAL A 241 -12.13 -7.45 11.56
CA VAL A 241 -11.40 -7.58 12.81
C VAL A 241 -12.11 -6.69 13.81
N SER A 242 -12.84 -7.31 14.74
CA SER A 242 -13.59 -6.52 15.72
C SER A 242 -12.68 -6.12 16.88
N HIS A 243 -13.13 -5.14 17.67
CA HIS A 243 -12.37 -4.75 18.85
C HIS A 243 -12.14 -5.94 19.78
N GLY A 244 -13.17 -6.75 19.97
CA GLY A 244 -13.06 -7.89 20.88
C GLY A 244 -12.11 -8.96 20.40
N SER A 245 -11.90 -9.04 19.07
CA SER A 245 -10.95 -10.02 18.57
C SER A 245 -9.50 -9.62 18.84
N VAL A 246 -9.23 -8.39 19.30
CA VAL A 246 -7.85 -7.92 19.34
C VAL A 246 -6.98 -8.68 20.35
N PRO A 247 -7.43 -8.96 21.57
CA PRO A 247 -6.54 -9.67 22.52
C PRO A 247 -6.03 -11.00 21.99
N GLN A 248 -6.89 -11.83 21.43
CA GLN A 248 -6.44 -13.15 20.94
C GLN A 248 -5.54 -12.91 19.70
N LEU A 249 -6.00 -12.07 18.78
CA LEU A 249 -5.24 -11.79 17.56
C LEU A 249 -3.83 -11.32 17.89
N PHE A 250 -3.72 -10.39 18.84
CA PHE A 250 -2.42 -9.84 19.15
C PHE A 250 -1.57 -10.76 20.01
N SER A 251 -2.17 -11.79 20.62
CA SER A 251 -1.40 -12.59 21.58
C SER A 251 -0.28 -13.37 20.90
N GLN A 252 -0.41 -13.67 19.61
CA GLN A 252 0.64 -14.37 18.88
C GLN A 252 1.07 -13.63 17.62
N MET A 253 0.83 -12.32 17.56
CA MET A 253 1.09 -11.55 16.36
C MET A 253 2.48 -10.94 16.47
N PRO A 254 3.45 -11.33 15.65
CA PRO A 254 4.78 -10.71 15.73
C PRO A 254 4.67 -9.20 15.55
N ILE A 255 5.44 -8.48 16.36
CA ILE A 255 5.39 -7.02 16.36
C ILE A 255 5.62 -6.46 14.95
N ARG A 256 6.50 -7.10 14.18
CA ARG A 256 6.85 -6.57 12.86
C ARG A 256 5.69 -6.60 11.87
N LYS A 257 4.60 -7.30 12.19
CA LYS A 257 3.49 -7.36 11.25
C LYS A 257 2.61 -6.11 11.29
N ILE A 258 2.74 -5.28 12.33
CA ILE A 258 1.93 -4.08 12.44
C ILE A 258 2.58 -2.96 11.64
N ARG A 259 1.74 -2.23 10.91
CA ARG A 259 2.23 -1.15 10.04
C ARG A 259 3.06 -0.14 10.81
N SER A 260 4.27 0.14 10.36
CA SER A 260 5.28 1.06 10.91
C SER A 260 6.25 0.36 11.86
N LEU A 261 5.99 -0.89 12.26
CA LEU A 261 6.88 -1.65 13.13
C LEU A 261 7.68 -2.70 12.37
N GLY A 262 7.66 -2.68 11.05
CA GLY A 262 8.42 -3.66 10.29
C GLY A 262 9.88 -3.37 10.14
N GLY A 263 10.37 -2.26 10.70
CA GLY A 263 11.73 -1.84 10.47
C GLY A 263 12.53 -1.70 11.75
N LYS A 264 13.31 -0.61 11.87
CA LYS A 264 14.22 -0.49 12.99
C LYS A 264 13.50 -0.24 14.31
N LEU A 265 12.39 0.53 14.29
CA LEU A 265 11.67 0.79 15.53
C LEU A 265 11.12 -0.50 16.12
N GLY A 266 10.48 -1.33 15.29
CA GLY A 266 9.95 -2.59 15.81
C GLY A 266 11.05 -3.49 16.33
N ALA A 267 12.19 -3.51 15.64
CA ALA A 267 13.33 -4.27 16.14
C ALA A 267 13.77 -3.74 17.49
N SER A 268 13.76 -2.41 17.68
CA SER A 268 14.15 -1.87 18.98
C SER A 268 13.12 -2.20 20.04
N VAL A 269 11.84 -2.19 19.70
CA VAL A 269 10.80 -2.61 20.65
C VAL A 269 11.10 -4.03 21.14
N ILE A 270 11.35 -4.93 20.18
CA ILE A 270 11.64 -6.33 20.51
C ILE A 270 12.87 -6.43 21.41
N GLU A 271 13.94 -5.74 21.04
CA GLU A 271 15.22 -5.90 21.75
C GLU A 271 15.18 -5.25 23.12
N ILE A 272 14.71 -4.00 23.20
CA ILE A 272 14.72 -3.29 24.47
C ILE A 272 13.73 -3.93 25.46
N LEU A 273 12.54 -4.31 24.98
CA LEU A 273 11.53 -4.79 25.91
C LEU A 273 11.62 -6.29 26.16
N GLY A 274 12.35 -7.01 25.32
CA GLY A 274 12.47 -8.46 25.42
C GLY A 274 11.17 -9.20 25.16
N ILE A 275 10.40 -8.76 24.16
CA ILE A 275 9.10 -9.36 23.82
C ILE A 275 9.09 -9.73 22.34
N GLU A 276 8.05 -10.47 21.95
CA GLU A 276 7.91 -10.92 20.56
C GLU A 276 6.58 -10.51 19.93
N TYR A 277 5.51 -10.43 20.72
CA TYR A 277 4.16 -10.32 20.18
C TYR A 277 3.53 -9.00 20.58
N MET A 278 2.68 -8.47 19.69
CA MET A 278 2.06 -7.17 19.92
C MET A 278 1.34 -7.12 21.26
N GLY A 279 0.67 -8.21 21.63
CA GLY A 279 -0.10 -8.21 22.87
C GLY A 279 0.75 -8.03 24.10
N GLU A 280 2.02 -8.49 24.04
CA GLU A 280 2.89 -8.33 25.19
C GLU A 280 3.14 -6.87 25.52
N LEU A 281 2.84 -5.95 24.60
CA LEU A 281 3.02 -4.54 24.91
C LEU A 281 2.09 -4.03 25.99
N THR A 282 0.99 -4.75 26.28
CA THR A 282 0.02 -4.18 27.23
C THR A 282 0.57 -4.08 28.65
N GLN A 283 1.63 -4.80 28.96
CA GLN A 283 2.15 -4.86 30.33
C GLN A 283 3.06 -3.70 30.68
N PHE A 284 3.20 -2.71 29.81
CA PHE A 284 4.04 -1.56 30.09
C PHE A 284 3.18 -0.33 30.26
N THR A 285 3.64 0.60 31.09
CA THR A 285 2.87 1.83 31.21
C THR A 285 3.15 2.72 30.02
N GLU A 286 2.26 3.68 29.79
CA GLU A 286 2.49 4.64 28.71
C GLU A 286 3.81 5.37 28.92
N SER A 287 4.12 5.74 30.17
N SER A 287 4.11 5.76 30.17
CA SER A 287 5.36 6.46 30.42
CA SER A 287 5.36 6.46 30.42
C SER A 287 6.57 5.58 30.14
C SER A 287 6.57 5.59 30.15
N GLN A 288 6.48 4.28 30.44
CA GLN A 288 7.58 3.38 30.12
C GLN A 288 7.86 3.37 28.61
N LEU A 289 6.81 3.18 27.81
CA LEU A 289 7.00 3.14 26.37
C LEU A 289 7.51 4.48 25.83
N GLN A 290 7.00 5.59 26.37
CA GLN A 290 7.51 6.89 25.96
C GLN A 290 8.99 7.04 26.33
N SER A 291 9.39 6.48 27.47
CA SER A 291 10.76 6.59 27.91
C SER A 291 11.68 5.85 26.95
N HIS A 292 11.22 4.76 26.37
CA HIS A 292 12.10 4.07 25.44
C HIS A 292 12.02 4.58 24.01
N PHE A 293 10.82 4.97 23.56
CA PHE A 293 10.57 5.16 22.14
C PHE A 293 10.13 6.57 21.79
N GLY A 294 10.16 7.50 22.75
CA GLY A 294 9.74 8.85 22.47
C GLY A 294 8.28 9.06 22.81
N GLU A 295 7.93 10.33 23.00
CA GLU A 295 6.57 10.69 23.44
C GLU A 295 5.52 10.18 22.47
N LYS A 296 5.70 10.44 21.18
CA LYS A 296 4.68 10.13 20.18
C LYS A 296 4.60 8.61 19.94
N ASN A 297 5.75 7.99 19.67
CA ASN A 297 5.78 6.54 19.50
C ASN A 297 5.26 5.82 20.73
N GLY A 298 5.66 6.28 21.92
CA GLY A 298 5.23 5.62 23.14
C GLY A 298 3.72 5.66 23.33
N SER A 299 3.11 6.85 23.14
CA SER A 299 1.65 6.94 23.23
C SER A 299 0.98 6.09 22.16
N TRP A 300 1.52 6.12 20.94
CA TRP A 300 0.94 5.34 19.86
C TRP A 300 0.96 3.86 20.17
N LEU A 301 2.10 3.34 20.67
CA LEU A 301 2.21 1.93 21.01
C LEU A 301 1.28 1.56 22.16
N TYR A 302 1.22 2.40 23.19
CA TYR A 302 0.34 2.13 24.32
C TYR A 302 -1.10 1.93 23.87
N ALA A 303 -1.59 2.81 22.98
CA ALA A 303 -2.96 2.64 22.49
C ALA A 303 -3.07 1.52 21.45
N MET A 304 -2.06 1.35 20.59
CA MET A 304 -2.18 0.40 19.48
C MET A 304 -2.21 -1.04 19.97
N CYS A 305 -1.42 -1.37 20.99
CA CYS A 305 -1.45 -2.76 21.47
C CYS A 305 -2.78 -3.12 22.14
N ARG A 306 -3.62 -2.13 22.40
CA ARG A 306 -4.98 -2.32 22.87
C ARG A 306 -6.00 -2.23 21.74
N GLY A 307 -5.55 -2.13 20.50
CA GLY A 307 -6.41 -2.04 19.36
C GLY A 307 -6.89 -0.65 19.02
N ILE A 308 -6.28 0.39 19.60
CA ILE A 308 -6.77 1.76 19.51
C ILE A 308 -5.76 2.58 18.74
N GLU A 309 -6.24 3.33 17.75
CA GLU A 309 -5.42 4.29 17.01
C GLU A 309 -6.34 5.37 16.45
N HIS A 310 -5.83 6.59 16.37
CA HIS A 310 -6.69 7.70 15.95
C HIS A 310 -6.30 8.35 14.64
N ASP A 311 -5.25 7.87 13.97
CA ASP A 311 -4.81 8.43 12.70
C ASP A 311 -5.98 8.50 11.72
N PRO A 312 -6.33 9.68 11.19
CA PRO A 312 -7.50 9.77 10.32
C PRO A 312 -7.24 9.28 8.92
N VAL A 313 -8.30 8.79 8.29
CA VAL A 313 -8.29 8.56 6.86
C VAL A 313 -8.25 9.92 6.18
N LYS A 314 -7.15 10.24 5.52
CA LYS A 314 -7.04 11.58 4.99
C LYS A 314 -7.75 11.67 3.65
N PRO A 315 -8.50 12.74 3.40
CA PRO A 315 -9.14 12.92 2.11
C PRO A 315 -8.12 13.29 1.04
N ARG A 316 -7.47 12.29 0.46
CA ARG A 316 -6.47 12.55 -0.57
C ARG A 316 -6.47 11.35 -1.53
N GLN A 317 -7.07 11.55 -2.70
CA GLN A 317 -7.15 10.51 -3.72
C GLN A 317 -5.97 10.55 -4.70
N LEU A 318 -5.26 11.67 -4.76
CA LEU A 318 -4.17 11.86 -5.71
C LEU A 318 -2.82 11.88 -4.99
N PRO A 319 -1.77 11.36 -5.63
CA PRO A 319 -0.42 11.50 -5.07
C PRO A 319 -0.02 12.96 -4.88
N LYS A 320 0.79 13.21 -3.84
CA LYS A 320 1.35 14.51 -3.50
C LYS A 320 2.63 14.83 -4.26
N THR A 321 3.23 13.85 -4.90
CA THR A 321 4.48 14.04 -5.62
C THR A 321 4.39 13.26 -6.92
N ILE A 322 5.12 13.73 -7.92
CA ILE A 322 5.25 13.01 -9.19
C ILE A 322 6.74 12.90 -9.47
N GLY A 323 7.29 11.68 -9.43
CA GLY A 323 8.72 11.50 -9.48
C GLY A 323 9.14 10.46 -10.50
N CYS A 324 10.43 10.52 -10.84
CA CYS A 324 11.04 9.69 -11.86
CA CYS A 324 11.05 9.68 -11.86
CA CYS A 324 10.99 9.50 -11.67
C CYS A 324 12.48 9.41 -11.45
N SER A 325 12.90 8.15 -11.43
CA SER A 325 14.25 7.84 -10.97
CA SER A 325 14.24 7.82 -10.96
C SER A 325 14.78 6.65 -11.76
N LYS A 326 16.10 6.57 -11.80
CA LYS A 326 16.79 5.46 -12.44
C LYS A 326 18.08 5.18 -11.67
N ASN A 327 18.27 3.91 -11.33
CA ASN A 327 19.55 3.45 -10.81
C ASN A 327 20.49 3.14 -11.97
N PHE A 328 21.79 3.27 -11.69
CA PHE A 328 22.84 2.98 -12.65
C PHE A 328 23.83 2.08 -11.93
N PRO A 329 23.54 0.79 -11.82
CA PRO A 329 24.33 -0.08 -10.95
C PRO A 329 25.67 -0.44 -11.57
N GLY A 330 26.53 -0.97 -10.71
CA GLY A 330 27.83 -1.51 -11.09
C GLY A 330 28.62 -0.67 -12.07
N LYS A 331 28.80 -1.19 -13.28
CA LYS A 331 29.60 -0.55 -14.31
C LYS A 331 28.83 0.45 -15.15
N THR A 332 27.50 0.49 -15.04
CA THR A 332 26.72 1.46 -15.79
C THR A 332 26.75 2.86 -15.19
N ALA A 333 27.46 3.04 -14.08
CA ALA A 333 27.48 4.33 -13.39
C ALA A 333 27.94 5.45 -14.31
N LEU A 334 27.25 6.57 -14.24
CA LEU A 334 27.50 7.69 -15.15
C LEU A 334 28.81 8.36 -14.78
N ALA A 335 29.79 8.30 -15.69
CA ALA A 335 31.14 8.80 -15.41
C ALA A 335 31.54 9.94 -16.35
N THR A 336 30.61 10.46 -17.14
CA THR A 336 30.87 11.58 -18.03
C THR A 336 29.74 12.59 -17.92
N ARG A 337 30.08 13.86 -18.16
CA ARG A 337 29.10 14.93 -18.08
C ARG A 337 28.00 14.73 -19.12
N GLU A 338 28.38 14.36 -20.35
CA GLU A 338 27.39 14.09 -21.39
C GLU A 338 26.38 13.05 -20.93
N GLN A 339 26.85 11.99 -20.26
CA GLN A 339 25.96 10.94 -19.79
C GLN A 339 24.95 11.48 -18.79
N VAL A 340 25.44 12.15 -17.74
CA VAL A 340 24.58 12.72 -16.73
C VAL A 340 23.53 13.61 -17.36
N GLN A 341 23.93 14.46 -18.31
CA GLN A 341 22.98 15.37 -18.91
C GLN A 341 21.95 14.64 -19.76
N TRP A 342 22.37 13.63 -20.53
CA TRP A 342 21.41 12.87 -21.32
C TRP A 342 20.36 12.19 -20.44
N TRP A 343 20.78 11.58 -19.34
CA TRP A 343 19.81 10.88 -18.50
C TRP A 343 18.93 11.85 -17.71
N LEU A 344 19.51 12.96 -17.22
CA LEU A 344 18.65 13.99 -16.64
C LEU A 344 17.60 14.42 -17.64
N LEU A 345 17.96 14.51 -18.92
CA LEU A 345 16.98 14.90 -19.94
C LEU A 345 15.90 13.84 -20.11
N GLN A 346 16.29 12.56 -20.11
CA GLN A 346 15.30 11.48 -20.23
C GLN A 346 14.29 11.53 -19.09
N LEU A 347 14.80 11.60 -17.86
CA LEU A 347 13.94 11.69 -16.68
C LEU A 347 13.05 12.93 -16.76
N ALA A 348 13.63 14.06 -17.16
CA ALA A 348 12.88 15.30 -17.24
C ALA A 348 11.78 15.24 -18.30
N GLN A 349 12.01 14.50 -19.39
CA GLN A 349 10.97 14.40 -20.42
C GLN A 349 9.81 13.52 -19.93
N GLU A 350 10.13 12.42 -19.24
CA GLU A 350 9.01 11.66 -18.68
C GLU A 350 8.25 12.50 -17.66
N LEU A 351 8.99 13.26 -16.86
CA LEU A 351 8.37 14.07 -15.82
C LEU A 351 7.49 15.14 -16.44
N GLU A 352 7.97 15.80 -17.49
CA GLU A 352 7.15 16.81 -18.15
C GLU A 352 5.87 16.21 -18.71
N GLU A 353 5.96 15.01 -19.31
CA GLU A 353 4.75 14.39 -19.86
C GLU A 353 3.74 14.10 -18.75
N ARG A 354 4.20 13.48 -17.67
CA ARG A 354 3.29 13.17 -16.57
C ARG A 354 2.75 14.43 -15.91
N LEU A 355 3.59 15.47 -15.79
CA LEU A 355 3.16 16.71 -15.15
C LEU A 355 2.10 17.42 -15.99
N THR A 356 2.27 17.46 -17.31
CA THR A 356 1.27 18.11 -18.16
C THR A 356 -0.06 17.36 -18.08
N LYS A 357 0.01 16.02 -18.11
CA LYS A 357 -1.21 15.24 -17.94
C LYS A 357 -1.87 15.51 -16.59
N ASP A 358 -1.05 15.64 -15.54
CA ASP A 358 -1.57 15.91 -14.20
C ASP A 358 -2.25 17.27 -14.14
N ARG A 359 -1.64 18.28 -14.75
CA ARG A 359 -2.21 19.61 -14.75
C ARG A 359 -3.54 19.64 -15.48
N ASN A 360 -3.64 18.91 -16.60
CA ASN A 360 -4.92 18.84 -17.30
C ASN A 360 -5.99 18.09 -16.51
N ASP A 361 -5.62 16.97 -15.87
CA ASP A 361 -6.62 16.14 -15.21
C ASP A 361 -7.08 16.73 -13.87
N ASN A 362 -6.19 17.39 -13.15
CA ASN A 362 -6.39 17.63 -11.73
C ASN A 362 -6.33 19.09 -11.30
N ASP A 363 -6.16 20.03 -12.24
CA ASP A 363 -6.23 21.46 -11.93
C ASP A 363 -5.21 21.87 -10.88
N ARG A 364 -3.96 21.52 -11.10
CA ARG A 364 -2.91 21.88 -10.16
C ARG A 364 -1.59 21.95 -10.90
N VAL A 365 -0.63 22.65 -10.29
CA VAL A 365 0.70 22.84 -10.86
C VAL A 365 1.73 22.60 -9.77
N ALA A 366 2.75 21.81 -10.07
CA ALA A 366 3.87 21.66 -9.16
C ALA A 366 4.72 22.92 -9.17
N THR A 367 5.25 23.29 -8.01
CA THR A 367 6.07 24.48 -7.91
C THR A 367 7.52 24.20 -7.50
N GLN A 368 7.84 23.00 -7.05
CA GLN A 368 9.19 22.67 -6.62
C GLN A 368 9.69 21.45 -7.37
N LEU A 369 10.95 21.50 -7.77
CA LEU A 369 11.65 20.37 -8.37
C LEU A 369 12.71 19.89 -7.39
N VAL A 370 12.65 18.61 -7.03
CA VAL A 370 13.62 18.02 -6.13
C VAL A 370 14.54 17.12 -6.93
N VAL A 371 15.86 17.31 -6.76
CA VAL A 371 16.88 16.57 -7.49
C VAL A 371 17.65 15.76 -6.47
N SER A 372 17.80 14.47 -6.73
CA SER A 372 18.49 13.61 -5.80
C SER A 372 19.44 12.72 -6.58
N ILE A 373 20.65 12.55 -6.05
CA ILE A 373 21.63 11.66 -6.66
C ILE A 373 22.28 10.78 -5.60
N ARG A 374 22.84 9.69 -6.10
CA ARG A 374 23.69 8.79 -5.33
C ARG A 374 25.03 8.68 -6.05
N VAL A 375 26.10 8.65 -5.26
CA VAL A 375 27.47 8.49 -5.78
C VAL A 375 28.00 7.14 -5.35
N GLN A 376 28.90 6.59 -6.16
CA GLN A 376 29.35 5.21 -5.98
C GLN A 376 30.17 5.07 -4.71
N GLY A 377 29.78 4.15 -3.84
CA GLY A 377 30.44 3.93 -2.58
C GLY A 377 29.68 4.44 -1.35
N ASP A 378 28.38 4.71 -1.48
CA ASP A 378 27.57 5.28 -0.42
C ASP A 378 26.44 4.31 -0.12
N LYS A 379 26.39 3.79 1.11
CA LYS A 379 25.31 2.86 1.44
C LYS A 379 23.95 3.55 1.53
N ARG A 380 23.93 4.86 1.80
CA ARG A 380 22.67 5.57 1.87
C ARG A 380 22.00 5.60 0.49
N LEU A 381 20.68 5.41 0.50
CA LEU A 381 19.89 5.47 -0.73
C LEU A 381 20.16 6.77 -1.49
N SER A 382 20.11 7.90 -0.77
CA SER A 382 20.44 9.19 -1.33
C SER A 382 21.74 9.71 -0.75
N SER A 383 22.65 10.12 -1.62
CA SER A 383 23.81 10.88 -1.22
C SER A 383 23.55 12.37 -1.19
N LEU A 384 22.65 12.90 -2.01
CA LEU A 384 22.45 14.34 -2.02
C LEU A 384 21.07 14.70 -2.57
N ARG A 385 20.38 15.61 -1.88
CA ARG A 385 19.02 16.01 -2.21
C ARG A 385 18.93 17.54 -2.16
N ARG A 386 18.70 18.16 -3.32
CA ARG A 386 18.65 19.60 -3.46
C ARG A 386 17.40 20.01 -4.21
N CYS A 387 16.78 21.11 -3.81
CA CYS A 387 15.57 21.59 -4.47
C CYS A 387 15.85 22.86 -5.27
N CYS A 388 15.01 23.10 -6.27
CA CYS A 388 15.00 24.36 -6.98
C CYS A 388 13.59 24.63 -7.47
N ALA A 389 13.40 25.84 -8.01
CA ALA A 389 12.07 26.24 -8.44
C ALA A 389 11.65 25.49 -9.70
N LEU A 390 10.37 25.16 -9.78
CA LEU A 390 9.76 24.57 -10.97
C LEU A 390 8.71 25.55 -11.45
N THR A 391 9.08 26.40 -12.41
CA THR A 391 8.22 27.48 -12.87
C THR A 391 7.59 27.20 -14.22
N ARG A 392 8.09 26.21 -14.96
CA ARG A 392 7.60 25.91 -16.29
C ARG A 392 7.73 24.41 -16.55
N TYR A 393 6.68 23.81 -17.09
CA TYR A 393 6.70 22.39 -17.43
C TYR A 393 7.46 22.22 -18.73
N ASP A 394 8.78 22.33 -18.63
CA ASP A 394 9.66 22.25 -19.78
C ASP A 394 10.81 21.31 -19.46
N ALA A 395 10.91 20.21 -20.21
CA ALA A 395 11.88 19.17 -19.88
C ALA A 395 13.31 19.67 -20.00
N HIS A 396 13.62 20.44 -21.03
CA HIS A 396 14.99 20.94 -21.18
C HIS A 396 15.35 21.89 -20.05
N LYS A 397 14.43 22.78 -19.68
CA LYS A 397 14.68 23.67 -18.55
C LYS A 397 14.86 22.89 -17.25
N MET A 398 13.99 21.90 -17.01
CA MET A 398 14.09 21.14 -15.78
C MET A 398 15.40 20.37 -15.71
N SER A 399 15.84 19.78 -16.83
CA SER A 399 17.09 19.05 -16.82
C SER A 399 18.28 20.00 -16.61
N HIS A 400 18.22 21.18 -17.22
CA HIS A 400 19.28 22.17 -17.02
C HIS A 400 19.36 22.60 -15.56
N ASP A 401 18.21 22.88 -14.95
CA ASP A 401 18.19 23.28 -13.54
C ASP A 401 18.75 22.19 -12.65
N ALA A 402 18.32 20.93 -12.87
CA ALA A 402 18.84 19.83 -12.06
C ALA A 402 20.35 19.72 -12.18
N PHE A 403 20.86 19.84 -13.41
CA PHE A 403 22.30 19.84 -13.60
C PHE A 403 22.95 21.00 -12.85
N THR A 404 22.34 22.18 -12.88
CA THR A 404 22.92 23.31 -12.19
C THR A 404 23.05 23.03 -10.70
N VAL A 405 22.04 22.42 -10.11
CA VAL A 405 22.10 22.21 -8.66
C VAL A 405 22.96 21.03 -8.26
N ILE A 406 23.30 20.12 -9.18
CA ILE A 406 24.17 19.00 -8.82
C ILE A 406 25.59 19.12 -9.35
N LYS A 407 25.88 20.03 -10.28
CA LYS A 407 27.14 19.98 -11.02
C LYS A 407 28.38 20.15 -10.14
N ASN A 408 28.23 20.74 -8.96
CA ASN A 408 29.36 20.89 -8.03
C ASN A 408 29.61 19.64 -7.20
N CYS A 409 28.84 18.57 -7.43
CA CYS A 409 29.15 17.30 -6.78
C CYS A 409 30.28 16.57 -7.47
N ASN A 410 30.54 16.87 -8.74
CA ASN A 410 31.66 16.30 -9.46
C ASN A 410 32.98 16.70 -8.81
N THR A 411 33.59 15.77 -8.07
CA THR A 411 34.88 15.99 -7.44
C THR A 411 36.04 15.94 -8.42
N SER A 412 35.79 15.57 -9.68
CA SER A 412 36.84 15.49 -10.68
C SER A 412 37.29 16.88 -11.11
N GLY A 413 38.61 17.06 -11.19
CA GLY A 413 39.15 18.24 -11.83
C GLY A 413 39.07 18.23 -13.34
N ILE A 414 38.76 17.08 -13.94
CA ILE A 414 38.72 16.93 -15.38
C ILE A 414 37.40 17.48 -15.92
N GLN A 415 37.42 17.94 -17.18
CA GLN A 415 36.32 18.70 -17.73
C GLN A 415 35.07 17.84 -17.93
N THR A 416 35.21 16.70 -18.61
CA THR A 416 34.07 15.82 -18.85
C THR A 416 33.82 14.90 -17.66
N GLU A 417 34.84 14.15 -17.25
CA GLU A 417 34.66 13.04 -16.34
C GLU A 417 33.86 13.45 -15.12
N TRP A 418 32.99 12.54 -14.69
CA TRP A 418 32.22 12.72 -13.47
C TRP A 418 32.75 11.75 -12.44
N SER A 419 33.36 12.27 -11.38
CA SER A 419 33.76 11.46 -10.25
C SER A 419 33.25 12.09 -8.97
N PRO A 420 32.79 11.27 -8.01
CA PRO A 420 32.58 9.83 -8.22
C PRO A 420 31.40 9.58 -9.15
N PRO A 421 31.47 8.51 -9.94
CA PRO A 421 30.37 8.19 -10.86
C PRO A 421 29.04 8.10 -10.12
N LEU A 422 27.96 8.39 -10.85
CA LEU A 422 26.62 8.48 -10.28
C LEU A 422 25.88 7.17 -10.48
N THR A 423 25.35 6.63 -9.38
CA THR A 423 24.63 5.37 -9.41
C THR A 423 23.11 5.53 -9.35
N MET A 424 22.62 6.76 -9.24
CA MET A 424 21.17 6.99 -9.20
C MET A 424 20.89 8.45 -9.54
N LEU A 425 19.82 8.67 -10.32
CA LEU A 425 19.28 10.00 -10.54
C LEU A 425 17.79 9.98 -10.23
N PHE A 426 17.29 11.09 -9.69
CA PHE A 426 15.92 11.17 -9.20
C PHE A 426 15.43 12.60 -9.36
N LEU A 427 14.37 12.79 -10.14
CA LEU A 427 13.68 14.08 -10.25
C LEU A 427 12.29 13.94 -9.68
N CYS A 428 11.90 14.84 -8.79
CA CYS A 428 10.59 14.78 -8.14
C CYS A 428 9.94 16.16 -8.14
N ALA A 429 8.74 16.25 -8.73
CA ALA A 429 7.92 17.44 -8.66
C ALA A 429 7.06 17.39 -7.41
N THR A 430 7.08 18.49 -6.63
CA THR A 430 6.45 18.59 -5.32
C THR A 430 5.78 19.96 -5.19
N LYS A 431 5.13 20.16 -4.04
CA LYS A 431 4.51 21.44 -3.65
C LYS A 431 3.52 21.92 -4.71
N PHE A 432 2.46 21.13 -4.85
CA PHE A 432 1.41 21.46 -5.81
C PHE A 432 0.55 22.61 -5.29
N SER A 433 0.06 23.43 -6.21
CA SER A 433 -0.87 24.50 -5.93
C SER A 433 -2.02 24.44 -6.92
N ALA A 434 -3.22 24.78 -6.45
CA ALA A 434 -4.40 24.76 -7.31
C ALA A 434 -4.20 25.69 -8.50
N SER A 435 -4.72 25.28 -9.65
CA SER A 435 -4.57 26.08 -10.87
C SER A 435 -5.72 25.84 -11.83
MG MG D . -1.75 -5.58 -3.39
C1 GOL E . -1.85 -11.20 25.38
O1 GOL E . -0.55 -10.68 25.15
C2 GOL E . -2.93 -10.34 24.76
O2 GOL E . -2.69 -10.16 23.36
C3 GOL E . -3.08 -8.98 25.42
O3 GOL E . -4.31 -8.38 25.05
C1 GOL F . -6.75 2.59 -18.39
O1 GOL F . -6.38 2.48 -17.04
C2 GOL F . -7.88 3.65 -18.48
O2 GOL F . -7.40 4.95 -18.30
C3 GOL F . -8.51 3.44 -19.88
O3 GOL F . -9.55 4.37 -19.99
PG DTP G . -1.01 -8.59 -2.90
O1G DTP G . -0.35 -9.40 -1.80
O2G DTP G . -2.24 -9.31 -3.38
O3G DTP G . -1.42 -7.22 -2.43
PB DTP G . 0.63 -7.10 -4.74
O1B DTP G . -0.47 -6.09 -5.07
O2B DTP G . 1.38 -7.39 -6.00
O3B DTP G . -0.03 -8.40 -4.11
PA DTP G . 1.86 -5.13 -3.19
O1A DTP G . 2.97 -5.10 -2.17
O2A DTP G . 0.57 -4.70 -2.57
O3A DTP G . 1.64 -6.57 -3.69
O5' DTP G . 2.25 -4.25 -4.43
C5' DTP G . 1.33 -3.51 -5.17
C4' DTP G . 1.85 -3.25 -6.57
O4' DTP G . 2.89 -2.26 -6.50
C3' DTP G . 2.44 -4.55 -7.11
O3' DTP G . 1.53 -5.13 -8.04
C2' DTP G . 3.67 -4.05 -7.86
C1' DTP G . 4.04 -2.79 -7.19
N9 DTP G . 5.15 -2.99 -6.22
C8 DTP G . 5.02 -3.37 -4.94
N7 DTP G . 6.21 -3.45 -4.35
C5 DTP G . 7.14 -3.11 -5.28
C6 DTP G . 8.52 -3.03 -5.24
N6 DTP G . 9.17 -3.31 -4.10
N1 DTP G . 9.17 -2.67 -6.33
C2 DTP G . 8.47 -2.40 -7.43
N3 DTP G . 7.18 -2.46 -7.56
C4 DTP G . 6.47 -2.82 -6.48
P1 DPO H . 0.77 -7.22 -4.75
O1 DPO H . -0.27 -6.15 -4.97
O2 DPO H . 1.87 -7.02 -3.74
O3 DPO H . 1.43 -7.49 -6.08
O4 DPO H . -0.01 -8.49 -4.21
P2 DPO H . -0.98 -8.66 -2.95
O5 DPO H . -1.25 -7.28 -2.46
O6 DPO H . -2.16 -9.39 -3.47
O7 DPO H . -0.29 -9.60 -2.00
MG MG I . -0.80 -3.36 -1.49
MG MG J . 2.98 -7.34 -2.13
#